data_6Q3C
#
_entry.id   6Q3C
#
_cell.length_a   53.439
_cell.length_b   71.333
_cell.length_c   71.886
_cell.angle_alpha   90.00
_cell.angle_beta   90.00
_cell.angle_gamma   90.00
#
_symmetry.space_group_name_H-M   'P 21 21 21'
#
loop_
_entity.id
_entity.type
_entity.pdbx_description
1 polymer 'Cyclin-dependent kinase 2'
2 non-polymer 4-bromo-1H-pyrazole
3 water water
#
_entity_poly.entity_id   1
_entity_poly.type   'polypeptide(L)'
_entity_poly.pdbx_seq_one_letter_code
;GPLGSPEFMENFQKVEKIGEGTYGVVYKARNKLTGEVVALKKIRLDTETEGVPSTAIREISLLKELNHPNIVKLLDVIHT
ENKLYLVFEFLHQDLKKFMDASALTGIPLPLIKSYLFQLLQGLAFCHSHRVLHRDLKPQNLLINTEGAIKLADFGLARAF
GVPVRTYTHEVVTLWYRAPEILLG(OCS)KYYSTAVDIWSLGCIFAEMVTRRALFPGDSEIDQLFRIFRTLGTPDEVVWP
GVTSMPDYKPSFPKWARQDFSKVVPPLDEDGRSLLSQMLHYDPNKRISAKAALAHPFFQDVTKPVPHLRL
;
_entity_poly.pdbx_strand_id   A
#
loop_
_chem_comp.id
_chem_comp.type
_chem_comp.name
_chem_comp.formula
BYZ non-polymer 4-bromo-1H-pyrazole 'C3 H3 Br N2'
#
# COMPACT_ATOMS: atom_id res chain seq x y z
N GLU A 10 -13.29 13.48 24.71
CA GLU A 10 -14.40 14.45 24.41
C GLU A 10 -15.46 13.75 23.56
N ASN A 11 -15.91 14.41 22.49
CA ASN A 11 -16.94 13.85 21.57
C ASN A 11 -16.94 14.64 20.26
N PHE A 12 -17.17 13.96 19.14
CA PHE A 12 -17.20 14.61 17.80
C PHE A 12 -18.49 14.22 17.06
N GLN A 13 -18.84 14.97 16.02
CA GLN A 13 -20.07 14.68 15.22
C GLN A 13 -19.74 13.62 14.17
N LYS A 14 -20.78 13.07 13.52
CA LYS A 14 -20.60 12.04 12.47
C LYS A 14 -20.24 12.71 11.14
N VAL A 15 -20.50 14.02 11.03
CA VAL A 15 -20.20 14.79 9.79
C VAL A 15 -20.81 14.05 8.59
N GLU A 16 -20.02 13.20 7.94
CA GLU A 16 -20.49 12.42 6.76
C GLU A 16 -19.74 11.09 6.68
N LYS A 17 -20.25 10.06 7.36
CA LYS A 17 -19.60 8.72 7.37
C LYS A 17 -18.45 8.71 6.36
N ILE A 18 -17.21 8.77 6.86
CA ILE A 18 -16.00 8.77 5.98
C ILE A 18 -16.10 7.57 5.02
N GLY A 19 -16.25 6.37 5.58
CA GLY A 19 -16.36 5.14 4.77
C GLY A 19 -16.16 3.88 5.61
N GLU A 20 -16.36 2.71 5.01
CA GLU A 20 -16.21 1.43 5.73
C GLU A 20 -14.76 1.03 5.53
N GLY A 21 -14.01 0.99 6.62
CA GLY A 21 -12.59 0.58 6.61
C GLY A 21 -12.47 -0.90 6.75
N THR A 22 -11.25 -1.41 6.79
CA THR A 22 -10.96 -2.85 7.02
C THR A 22 -11.56 -3.27 8.37
N TYR A 23 -11.41 -2.42 9.39
CA TYR A 23 -11.66 -2.82 10.80
C TYR A 23 -12.94 -2.21 11.39
N GLY A 24 -13.54 -1.26 10.73
CA GLY A 24 -14.73 -0.58 11.28
C GLY A 24 -15.04 0.70 10.55
N VAL A 25 -16.06 1.39 11.02
CA VAL A 25 -16.58 2.57 10.29
C VAL A 25 -15.50 3.66 10.39
N VAL A 26 -15.41 4.52 9.39
CA VAL A 26 -14.55 5.73 9.42
C VAL A 26 -15.48 6.95 9.33
N TYR A 27 -15.30 7.87 10.26
CA TYR A 27 -16.10 9.10 10.38
C TYR A 27 -15.18 10.28 10.09
N LYS A 28 -15.69 11.26 9.37
CA LYS A 28 -15.17 12.64 9.49
C LYS A 28 -15.80 13.25 10.75
N ALA A 29 -15.03 13.92 11.59
CA ALA A 29 -15.50 14.43 12.89
C ALA A 29 -14.79 15.75 13.24
N ARG A 30 -15.44 16.63 14.00
CA ARG A 30 -14.77 17.85 14.55
C ARG A 30 -14.54 17.66 16.05
N ASN A 31 -13.32 17.92 16.51
CA ASN A 31 -12.98 17.99 17.96
C ASN A 31 -13.50 19.31 18.52
N LYS A 32 -14.33 19.26 19.54
CA LYS A 32 -15.16 20.45 19.91
C LYS A 32 -14.32 21.48 20.67
N LEU A 33 -13.25 21.06 21.35
CA LEU A 33 -12.35 21.97 22.11
C LEU A 33 -11.34 22.64 21.15
N THR A 34 -10.70 21.86 20.27
CA THR A 34 -9.59 22.35 19.40
C THR A 34 -10.17 22.89 18.09
N GLY A 35 -11.39 22.49 17.73
CA GLY A 35 -11.99 22.73 16.41
C GLY A 35 -11.38 21.90 15.26
N GLU A 36 -10.41 21.01 15.53
CA GLU A 36 -9.78 20.32 14.37
CA GLU A 36 -9.72 20.12 14.57
C GLU A 36 -10.75 19.25 13.82
N VAL A 37 -10.70 19.16 12.50
CA VAL A 37 -11.43 18.13 11.71
C VAL A 37 -10.49 16.92 11.59
N VAL A 38 -10.99 15.75 11.92
CA VAL A 38 -10.22 14.50 11.97
C VAL A 38 -10.98 13.35 11.28
N ALA A 39 -10.23 12.27 11.04
CA ALA A 39 -10.81 10.99 10.67
C ALA A 39 -10.83 10.11 11.93
N LEU A 40 -11.98 9.61 12.27
CA LEU A 40 -12.18 8.76 13.46
C LEU A 40 -12.47 7.35 12.96
N LYS A 41 -11.67 6.38 13.37
CA LYS A 41 -11.84 4.98 12.94
C LYS A 41 -12.24 4.15 14.16
N LYS A 42 -13.39 3.51 14.09
CA LYS A 42 -13.85 2.53 15.09
C LYS A 42 -13.27 1.16 14.72
N ILE A 43 -12.54 0.52 15.64
CA ILE A 43 -11.94 -0.83 15.45
C ILE A 43 -12.83 -1.85 16.16
N ARG A 44 -13.28 -2.90 15.47
CA ARG A 44 -14.14 -3.98 16.03
C ARG A 44 -13.53 -4.56 17.30
N PRO A 53 -8.14 -6.00 24.09
CA PRO A 53 -7.01 -6.81 23.57
C PRO A 53 -5.67 -6.06 23.74
N SER A 54 -4.94 -6.38 24.81
CA SER A 54 -3.88 -5.49 25.40
C SER A 54 -2.62 -5.43 24.53
N THR A 55 -2.19 -6.54 23.91
CA THR A 55 -1.05 -6.54 22.96
C THR A 55 -1.30 -5.48 21.85
N ALA A 56 -2.50 -5.44 21.27
CA ALA A 56 -2.85 -4.50 20.17
C ALA A 56 -2.77 -3.06 20.67
N ILE A 57 -3.21 -2.82 21.89
CA ILE A 57 -3.23 -1.45 22.49
C ILE A 57 -1.79 -0.94 22.58
N ARG A 58 -0.89 -1.74 23.13
CA ARG A 58 0.49 -1.27 23.26
C ARG A 58 1.08 -0.98 21.86
N GLU A 59 0.88 -1.90 20.92
CA GLU A 59 1.55 -1.81 19.60
C GLU A 59 1.02 -0.57 18.87
N ILE A 60 -0.29 -0.33 18.93
CA ILE A 60 -0.88 0.79 18.17
C ILE A 60 -0.47 2.11 18.85
N SER A 61 -0.37 2.10 20.18
CA SER A 61 -0.01 3.32 20.94
C SER A 61 1.39 3.79 20.55
N LEU A 62 2.32 2.87 20.26
CA LEU A 62 3.69 3.24 19.82
C LEU A 62 3.66 3.97 18.48
N LEU A 63 2.65 3.78 17.65
CA LEU A 63 2.55 4.45 16.32
C LEU A 63 2.30 5.95 16.48
N LYS A 64 1.91 6.42 17.67
CA LYS A 64 1.72 7.89 17.87
C LYS A 64 3.04 8.63 17.70
N GLU A 65 4.16 7.94 17.90
CA GLU A 65 5.50 8.56 17.75
C GLU A 65 6.03 8.45 16.32
N LEU A 66 5.41 7.67 15.45
CA LEU A 66 5.97 7.38 14.08
C LEU A 66 5.47 8.50 13.13
N ASN A 67 6.09 9.67 13.23
CA ASN A 67 5.61 10.88 12.54
C ASN A 67 6.49 11.23 11.36
N HIS A 68 5.87 11.51 10.23
CA HIS A 68 6.59 11.86 9.00
C HIS A 68 5.61 12.57 8.08
N PRO A 69 6.08 13.51 7.24
CA PRO A 69 5.16 14.23 6.37
C PRO A 69 4.36 13.35 5.39
N ASN A 70 4.86 12.17 5.09
CA ASN A 70 4.18 11.30 4.11
C ASN A 70 3.49 10.11 4.83
N ILE A 71 3.24 10.25 6.11
CA ILE A 71 2.46 9.28 6.92
C ILE A 71 1.30 10.03 7.54
N VAL A 72 0.11 9.53 7.35
CA VAL A 72 -1.08 10.16 7.95
C VAL A 72 -0.91 10.11 9.47
N LYS A 73 -0.96 11.30 10.10
CA LYS A 73 -0.68 11.37 11.55
C LYS A 73 -1.76 10.66 12.38
N LEU A 74 -1.31 9.80 13.29
CA LEU A 74 -2.13 9.15 14.34
C LEU A 74 -2.13 10.13 15.53
N LEU A 75 -3.24 10.82 15.71
CA LEU A 75 -3.36 11.85 16.77
C LEU A 75 -3.59 11.20 18.13
N ASP A 76 -4.46 10.20 18.21
CA ASP A 76 -4.86 9.62 19.51
C ASP A 76 -5.41 8.21 19.34
N VAL A 77 -5.26 7.43 20.40
CA VAL A 77 -5.74 6.03 20.53
C VAL A 77 -6.64 6.05 21.76
N ILE A 78 -7.94 5.87 21.57
CA ILE A 78 -8.98 5.91 22.64
C ILE A 78 -9.48 4.48 22.88
N HIS A 79 -9.21 3.87 24.06
CA HIS A 79 -9.80 2.57 24.46
C HIS A 79 -10.88 2.82 25.50
N THR A 80 -12.14 2.45 25.21
CA THR A 80 -13.32 2.70 26.07
C THR A 80 -14.50 1.78 25.75
N GLU A 81 -15.23 1.37 26.80
CA GLU A 81 -16.45 0.55 26.68
C GLU A 81 -16.13 -0.68 25.85
N ASN A 82 -14.93 -1.24 26.03
CA ASN A 82 -14.42 -2.44 25.29
C ASN A 82 -14.39 -2.16 23.79
N LYS A 83 -14.03 -0.95 23.41
CA LYS A 83 -14.09 -0.43 22.03
C LYS A 83 -12.84 0.46 21.83
N LEU A 84 -12.25 0.41 20.64
CA LEU A 84 -11.00 1.13 20.30
C LEU A 84 -11.31 2.11 19.17
N TYR A 85 -10.91 3.37 19.35
CA TYR A 85 -11.04 4.42 18.31
C TYR A 85 -9.66 4.98 18.01
N LEU A 86 -9.40 5.18 16.74
CA LEU A 86 -8.16 5.84 16.31
C LEU A 86 -8.53 7.17 15.70
N VAL A 87 -7.83 8.22 16.12
CA VAL A 87 -8.05 9.57 15.59
C VAL A 87 -6.86 9.91 14.70
N PHE A 88 -7.15 10.16 13.45
CA PHE A 88 -6.14 10.47 12.42
C PHE A 88 -6.37 11.87 11.89
N GLU A 89 -5.29 12.43 11.40
CA GLU A 89 -5.28 13.60 10.48
C GLU A 89 -6.25 13.30 9.36
N PHE A 90 -7.03 14.31 8.96
CA PHE A 90 -7.98 14.20 7.85
C PHE A 90 -7.36 14.67 6.55
N LEU A 91 -7.53 13.90 5.49
CA LEU A 91 -7.25 14.35 4.11
C LEU A 91 -8.47 14.08 3.26
N HIS A 92 -8.65 14.92 2.24
CA HIS A 92 -9.95 15.00 1.54
C HIS A 92 -10.13 13.93 0.47
N GLN A 93 -9.08 13.30 -0.02
CA GLN A 93 -9.18 12.45 -1.23
CA GLN A 93 -9.28 12.36 -1.14
C GLN A 93 -8.24 11.25 -1.08
N ASP A 94 -8.62 10.08 -1.60
CA ASP A 94 -7.69 8.94 -1.71
C ASP A 94 -7.26 8.76 -3.17
N LEU A 95 -6.19 8.03 -3.34
CA LEU A 95 -5.63 7.83 -4.70
C LEU A 95 -6.58 7.00 -5.56
N LYS A 96 -7.36 6.10 -4.95
CA LYS A 96 -8.31 5.32 -5.76
C LYS A 96 -9.30 6.26 -6.44
N LYS A 97 -9.88 7.16 -5.66
CA LYS A 97 -10.86 8.12 -6.21
C LYS A 97 -10.17 9.02 -7.26
N PHE A 98 -8.95 9.49 -6.98
CA PHE A 98 -8.22 10.38 -7.89
C PHE A 98 -7.91 9.65 -9.20
N MET A 99 -7.53 8.38 -9.11
CA MET A 99 -7.26 7.58 -10.33
C MET A 99 -8.57 7.44 -11.13
N ASP A 100 -9.69 7.13 -10.46
CA ASP A 100 -10.98 6.92 -11.15
C ASP A 100 -11.32 8.23 -11.87
N ALA A 101 -11.13 9.36 -11.20
CA ALA A 101 -11.47 10.73 -11.70
C ALA A 101 -10.55 11.15 -12.84
N SER A 102 -9.36 10.55 -12.91
CA SER A 102 -8.26 10.85 -13.89
C SER A 102 -8.29 9.83 -15.03
N ALA A 103 -9.33 8.99 -15.10
CA ALA A 103 -9.37 7.81 -16.00
C ALA A 103 -9.23 8.24 -17.47
N LEU A 104 -9.78 9.38 -17.88
CA LEU A 104 -9.88 9.67 -19.33
C LEU A 104 -8.50 10.07 -19.89
N THR A 105 -7.70 10.77 -19.10
CA THR A 105 -6.38 11.34 -19.49
C THR A 105 -5.26 10.59 -18.78
N GLY A 106 -5.56 9.97 -17.64
CA GLY A 106 -4.53 9.45 -16.74
C GLY A 106 -3.90 10.55 -15.90
N ILE A 107 -3.30 10.16 -14.81
CA ILE A 107 -2.44 11.04 -13.99
C ILE A 107 -1.20 11.39 -14.80
N PRO A 108 -0.83 12.68 -14.92
CA PRO A 108 0.40 13.04 -15.63
C PRO A 108 1.66 12.39 -15.03
N LEU A 109 2.62 11.99 -15.86
CA LEU A 109 3.83 11.30 -15.39
C LEU A 109 4.52 12.11 -14.32
N PRO A 110 4.67 13.45 -14.43
CA PRO A 110 5.38 14.16 -13.36
C PRO A 110 4.72 14.02 -11.98
N LEU A 111 3.40 13.92 -11.96
CA LEU A 111 2.65 13.75 -10.71
C LEU A 111 2.76 12.29 -10.25
N ILE A 112 2.73 11.32 -11.17
CA ILE A 112 2.98 9.90 -10.78
C ILE A 112 4.34 9.83 -10.09
N LYS A 113 5.34 10.44 -10.75
CA LYS A 113 6.74 10.40 -10.22
C LYS A 113 6.79 11.07 -8.83
N SER A 114 6.17 12.22 -8.67
CA SER A 114 6.14 12.90 -7.37
C SER A 114 5.49 12.01 -6.30
N TYR A 115 4.37 11.41 -6.64
CA TYR A 115 3.66 10.56 -5.68
C TYR A 115 4.49 9.33 -5.30
N LEU A 116 5.12 8.70 -6.30
CA LEU A 116 5.97 7.53 -5.99
C LEU A 116 7.14 7.93 -5.09
N PHE A 117 7.76 9.06 -5.41
CA PHE A 117 8.91 9.56 -4.62
C PHE A 117 8.50 9.78 -3.17
N GLN A 118 7.37 10.46 -2.98
CA GLN A 118 6.87 10.76 -1.63
C GLN A 118 6.51 9.49 -0.87
N LEU A 119 5.87 8.53 -1.56
CA LEU A 119 5.48 7.27 -0.90
C LEU A 119 6.74 6.48 -0.50
N LEU A 120 7.77 6.48 -1.36
CA LEU A 120 9.03 5.83 -0.99
C LEU A 120 9.66 6.52 0.21
N GLN A 121 9.54 7.83 0.33
CA GLN A 121 10.06 8.52 1.51
C GLN A 121 9.32 8.04 2.76
N GLY A 122 8.02 7.94 2.69
CA GLY A 122 7.25 7.45 3.83
C GLY A 122 7.63 6.03 4.20
N LEU A 123 7.74 5.17 3.20
CA LEU A 123 8.16 3.78 3.48
C LEU A 123 9.56 3.76 4.06
N ALA A 124 10.50 4.53 3.50
CA ALA A 124 11.89 4.48 4.00
C ALA A 124 11.86 4.86 5.49
N PHE A 125 11.08 5.86 5.85
CA PHE A 125 10.98 6.28 7.25
C PHE A 125 10.45 5.13 8.12
N CYS A 126 9.30 4.59 7.76
N CYS A 126 9.29 4.58 7.81
CA CYS A 126 8.66 3.53 8.57
CA CYS A 126 8.70 3.56 8.71
C CYS A 126 9.61 2.32 8.68
C CYS A 126 9.56 2.29 8.70
N HIS A 127 10.17 1.93 7.55
CA HIS A 127 11.04 0.74 7.50
C HIS A 127 12.27 0.95 8.37
N SER A 128 12.78 2.18 8.43
CA SER A 128 13.97 2.51 9.25
C SER A 128 13.64 2.34 10.75
N HIS A 129 12.36 2.44 11.13
CA HIS A 129 11.85 2.27 12.52
C HIS A 129 11.26 0.87 12.68
N ARG A 130 11.50 -0.03 11.73
CA ARG A 130 11.08 -1.45 11.81
C ARG A 130 9.55 -1.53 11.92
N VAL A 131 8.88 -0.71 11.14
CA VAL A 131 7.40 -0.74 11.06
C VAL A 131 7.06 -1.04 9.60
N LEU A 132 6.22 -2.03 9.41
CA LEU A 132 5.71 -2.45 8.09
C LEU A 132 4.28 -1.94 7.94
N HIS A 133 3.80 -1.80 6.71
CA HIS A 133 2.37 -1.53 6.49
C HIS A 133 1.66 -2.87 6.29
N ARG A 134 2.08 -3.61 5.25
CA ARG A 134 1.61 -4.97 4.87
CA ARG A 134 1.52 -4.98 5.01
CA ARG A 134 1.61 -4.97 4.86
C ARG A 134 0.27 -4.95 4.13
N ASP A 135 -0.43 -3.82 4.07
CA ASP A 135 -1.71 -3.81 3.31
C ASP A 135 -1.85 -2.51 2.55
N LEU A 136 -0.81 -2.11 1.84
CA LEU A 136 -0.88 -0.90 1.00
C LEU A 136 -1.81 -1.14 -0.18
N LYS A 137 -2.58 -0.11 -0.49
CA LYS A 137 -3.55 -0.16 -1.59
C LYS A 137 -3.96 1.27 -1.88
N PRO A 138 -4.48 1.58 -3.08
CA PRO A 138 -4.81 2.98 -3.40
C PRO A 138 -5.77 3.62 -2.40
N GLN A 139 -6.67 2.86 -1.81
CA GLN A 139 -7.66 3.41 -0.85
C GLN A 139 -6.96 3.90 0.42
N ASN A 140 -5.73 3.50 0.75
CA ASN A 140 -5.06 4.00 1.96
C ASN A 140 -3.88 4.89 1.61
N LEU A 141 -3.91 5.46 0.42
CA LEU A 141 -2.98 6.53 0.02
C LEU A 141 -3.80 7.80 -0.15
N LEU A 142 -3.56 8.78 0.72
CA LEU A 142 -4.42 9.97 0.81
C LEU A 142 -3.69 11.18 0.23
N ILE A 143 -4.42 12.03 -0.47
CA ILE A 143 -3.82 13.18 -1.16
C ILE A 143 -4.48 14.49 -0.68
N ASN A 144 -3.71 15.57 -0.78
CA ASN A 144 -4.23 16.91 -0.49
C ASN A 144 -4.04 17.84 -1.69
N THR A 145 -4.52 19.06 -1.55
CA THR A 145 -4.52 20.09 -2.61
C THR A 145 -3.09 20.58 -2.88
N GLU A 146 -2.15 20.37 -1.96
CA GLU A 146 -0.77 20.94 -1.97
C GLU A 146 0.19 20.03 -2.78
N GLY A 147 -0.26 18.89 -3.27
CA GLY A 147 0.56 17.95 -4.05
C GLY A 147 1.17 16.87 -3.17
N ALA A 148 0.80 16.78 -1.91
CA ALA A 148 1.30 15.72 -1.01
C ALA A 148 0.46 14.46 -1.17
N ILE A 149 1.09 13.35 -0.87
CA ILE A 149 0.40 12.03 -0.70
C ILE A 149 0.97 11.40 0.57
N LYS A 150 0.12 10.71 1.29
CA LYS A 150 0.47 10.14 2.59
C LYS A 150 -0.08 8.72 2.72
N LEU A 151 0.67 7.90 3.44
CA LEU A 151 0.25 6.51 3.73
C LEU A 151 -0.62 6.51 4.96
N ALA A 152 -1.77 5.87 4.88
CA ALA A 152 -2.69 5.69 6.01
C ALA A 152 -2.63 4.25 6.48
N ASP A 153 -2.86 4.04 7.75
CA ASP A 153 -3.04 2.71 8.40
C ASP A 153 -1.72 1.95 8.53
N PHE A 154 -0.55 2.62 8.50
CA PHE A 154 0.72 1.94 8.80
C PHE A 154 0.62 1.30 10.18
N GLY A 155 1.18 0.10 10.32
CA GLY A 155 1.35 -0.55 11.62
C GLY A 155 0.10 -1.27 12.08
N LEU A 156 -1.06 -1.08 11.43
CA LEU A 156 -2.31 -1.67 11.99
C LEU A 156 -2.36 -3.17 11.72
N ALA A 157 -1.85 -3.62 10.59
CA ALA A 157 -1.88 -5.06 10.26
C ALA A 157 -1.13 -5.86 11.34
N ARG A 158 0.04 -5.43 11.77
CA ARG A 158 0.80 -6.16 12.81
C ARG A 158 -0.07 -6.20 14.07
N ALA A 159 -0.79 -5.12 14.38
CA ALA A 159 -1.62 -5.05 15.61
C ALA A 159 -2.87 -5.93 15.50
N PHE A 160 -3.57 -5.92 14.38
CA PHE A 160 -4.94 -6.48 14.30
C PHE A 160 -5.05 -7.67 13.31
N GLY A 161 -4.01 -7.93 12.51
CA GLY A 161 -4.11 -8.87 11.39
C GLY A 161 -4.77 -8.23 10.18
N VAL A 162 -4.69 -8.93 9.03
CA VAL A 162 -5.38 -8.56 7.76
C VAL A 162 -6.46 -9.62 7.57
N PRO A 163 -7.74 -9.29 7.73
CA PRO A 163 -8.79 -10.29 7.63
C PRO A 163 -9.08 -10.66 6.16
N VAL A 164 -9.75 -11.78 5.92
CA VAL A 164 -10.25 -12.11 4.55
C VAL A 164 -11.35 -11.13 4.16
N ARG A 165 -12.26 -10.84 5.10
CA ARG A 165 -13.41 -9.92 4.88
C ARG A 165 -13.38 -8.84 5.95
N THR A 166 -13.87 -7.66 5.58
CA THR A 166 -14.02 -6.53 6.51
C THR A 166 -15.19 -6.80 7.43
N TYR A 167 -15.35 -5.90 8.37
CA TYR A 167 -16.45 -5.92 9.36
C TYR A 167 -17.81 -5.90 8.64
N THR A 168 -17.92 -5.35 7.44
CA THR A 168 -19.18 -5.29 6.64
C THR A 168 -19.23 -6.40 5.58
N HIS A 169 -18.31 -7.37 5.66
CA HIS A 169 -18.23 -8.58 4.79
C HIS A 169 -17.62 -8.26 3.43
N GLU A 170 -17.13 -7.03 3.21
CA GLU A 170 -16.44 -6.69 1.96
C GLU A 170 -15.15 -7.51 1.86
N VAL A 171 -14.80 -7.91 0.66
CA VAL A 171 -13.58 -8.73 0.43
C VAL A 171 -12.37 -7.80 0.50
N VAL A 172 -11.41 -8.14 1.33
CA VAL A 172 -10.12 -7.37 1.37
C VAL A 172 -9.34 -7.72 0.11
N THR A 173 -8.91 -6.72 -0.60
CA THR A 173 -8.26 -6.93 -1.91
C THR A 173 -6.94 -7.71 -1.78
N LEU A 174 -6.71 -8.60 -2.72
CA LEU A 174 -5.43 -9.34 -2.80
C LEU A 174 -4.51 -8.72 -3.85
N TRP A 175 -4.94 -7.69 -4.55
CA TRP A 175 -4.31 -7.24 -5.79
C TRP A 175 -2.85 -6.78 -5.55
N TYR A 176 -2.55 -6.33 -4.33
CA TYR A 176 -1.26 -5.71 -4.03
C TYR A 176 -0.41 -6.62 -3.14
N ARG A 177 -0.84 -7.85 -2.93
CA ARG A 177 -0.17 -8.76 -2.02
C ARG A 177 1.08 -9.38 -2.64
N ALA A 178 2.19 -9.34 -1.89
CA ALA A 178 3.46 -9.90 -2.36
C ALA A 178 3.39 -11.42 -2.45
N PRO A 179 4.18 -12.00 -3.39
CA PRO A 179 4.12 -13.43 -3.62
C PRO A 179 4.59 -14.25 -2.43
N GLU A 180 5.51 -13.73 -1.62
CA GLU A 180 5.95 -14.53 -0.46
C GLU A 180 4.78 -14.69 0.55
N ILE A 181 3.88 -13.71 0.63
CA ILE A 181 2.72 -13.82 1.53
C ILE A 181 1.77 -14.90 0.96
N LEU A 182 1.51 -14.83 -0.33
CA LEU A 182 0.63 -15.77 -1.02
C LEU A 182 1.19 -17.19 -0.90
N LEU A 183 2.51 -17.36 -0.88
CA LEU A 183 3.14 -18.71 -0.81
C LEU A 183 3.37 -19.15 0.64
N GLY A 184 2.86 -18.42 1.61
CA GLY A 184 2.76 -18.91 2.98
C GLY A 184 3.97 -18.56 3.87
N OCS A 185 4.85 -17.66 3.42
CA OCS A 185 5.95 -17.23 4.26
CB OCS A 185 6.88 -16.30 3.49
SG OCS A 185 8.44 -15.91 4.20
C OCS A 185 5.37 -16.55 5.48
O OCS A 185 4.50 -15.68 5.34
OD1 OCS A 185 8.21 -15.35 5.49
OD2 OCS A 185 9.21 -17.14 4.20
OD3 OCS A 185 9.13 -14.90 3.19
N LYS A 186 5.84 -16.93 6.67
CA LYS A 186 5.30 -16.41 7.91
C LYS A 186 6.04 -15.14 8.36
N TYR A 187 7.28 -14.94 7.94
CA TYR A 187 8.26 -13.95 8.47
C TYR A 187 8.64 -12.96 7.39
N TYR A 188 7.64 -12.44 6.75
CA TYR A 188 7.93 -11.48 5.67
C TYR A 188 8.32 -10.16 6.36
N SER A 189 8.79 -9.33 5.50
CA SER A 189 9.75 -8.25 5.64
C SER A 189 9.21 -6.98 5.01
N THR A 190 9.98 -5.94 5.12
CA THR A 190 9.67 -4.63 4.53
C THR A 190 9.49 -4.74 3.01
N ALA A 191 10.08 -5.75 2.39
CA ALA A 191 9.93 -5.95 0.95
C ALA A 191 8.46 -6.09 0.53
N VAL A 192 7.58 -6.54 1.43
CA VAL A 192 6.19 -6.68 0.99
C VAL A 192 5.56 -5.35 0.60
N ASP A 193 5.99 -4.27 1.25
CA ASP A 193 5.46 -2.94 0.98
C ASP A 193 6.00 -2.39 -0.33
N ILE A 194 7.25 -2.76 -0.66
CA ILE A 194 7.82 -2.33 -1.96
C ILE A 194 7.05 -3.02 -3.10
N TRP A 195 6.74 -4.29 -2.92
CA TRP A 195 5.92 -4.99 -3.92
C TRP A 195 4.61 -4.25 -4.16
N SER A 196 3.91 -3.97 -3.06
CA SER A 196 2.59 -3.33 -3.19
C SER A 196 2.73 -2.01 -3.92
N LEU A 197 3.72 -1.22 -3.51
CA LEU A 197 3.92 0.08 -4.15
C LEU A 197 4.25 -0.05 -5.64
N GLY A 198 5.01 -1.09 -6.02
CA GLY A 198 5.27 -1.34 -7.43
C GLY A 198 3.99 -1.61 -8.20
N CYS A 199 3.11 -2.40 -7.58
CA CYS A 199 1.82 -2.65 -8.24
C CYS A 199 1.00 -1.37 -8.41
N ILE A 200 1.06 -0.51 -7.41
CA ILE A 200 0.34 0.78 -7.48
C ILE A 200 0.95 1.70 -8.54
N PHE A 201 2.27 1.75 -8.60
CA PHE A 201 2.98 2.52 -9.65
C PHE A 201 2.48 2.09 -11.03
N ALA A 202 2.48 0.78 -11.27
CA ALA A 202 2.03 0.28 -12.58
C ALA A 202 0.59 0.71 -12.87
N GLU A 203 -0.26 0.63 -11.87
CA GLU A 203 -1.68 0.99 -12.03
C GLU A 203 -1.83 2.48 -12.36
N MET A 204 -1.05 3.35 -11.70
CA MET A 204 -1.10 4.79 -12.03
C MET A 204 -0.74 5.00 -13.51
N VAL A 205 0.28 4.31 -14.00
CA VAL A 205 0.80 4.50 -15.36
C VAL A 205 -0.20 3.95 -16.39
N THR A 206 -0.72 2.76 -16.19
CA THR A 206 -1.52 2.08 -17.23
C THR A 206 -3.01 2.36 -17.09
N ARG A 207 -3.44 2.80 -15.92
CA ARG A 207 -4.86 3.08 -15.58
C ARG A 207 -5.67 1.79 -15.46
N ARG A 208 -5.01 0.69 -15.15
CA ARG A 208 -5.61 -0.63 -14.90
C ARG A 208 -4.78 -1.33 -13.83
N ALA A 209 -5.44 -2.05 -12.91
CA ALA A 209 -4.71 -2.83 -11.90
C ALA A 209 -3.76 -3.78 -12.62
N LEU A 210 -2.60 -4.00 -12.04
CA LEU A 210 -1.60 -4.90 -12.67
C LEU A 210 -2.00 -6.36 -12.48
N PHE A 211 -2.38 -6.76 -11.27
CA PHE A 211 -2.69 -8.16 -10.92
C PHE A 211 -4.03 -8.22 -10.17
N PRO A 212 -5.18 -8.07 -10.87
CA PRO A 212 -6.46 -8.01 -10.17
C PRO A 212 -7.04 -9.40 -9.91
N GLY A 213 -6.37 -10.12 -9.02
CA GLY A 213 -6.84 -11.47 -8.67
C GLY A 213 -8.09 -11.47 -7.85
N ASP A 214 -8.84 -12.52 -7.98
CA ASP A 214 -10.12 -12.63 -7.23
C ASP A 214 -10.15 -13.83 -6.32
N SER A 215 -9.00 -14.43 -6.07
CA SER A 215 -8.76 -15.52 -5.13
C SER A 215 -7.26 -15.61 -4.94
N GLU A 216 -6.83 -16.34 -3.93
CA GLU A 216 -5.37 -16.43 -3.71
C GLU A 216 -4.68 -17.08 -4.92
N ILE A 217 -5.23 -18.17 -5.48
CA ILE A 217 -4.56 -18.83 -6.61
C ILE A 217 -4.66 -17.98 -7.86
N ASP A 218 -5.77 -17.27 -8.06
CA ASP A 218 -5.86 -16.38 -9.24
C ASP A 218 -4.85 -15.24 -9.10
N GLN A 219 -4.67 -14.74 -7.87
CA GLN A 219 -3.66 -13.71 -7.66
C GLN A 219 -2.28 -14.24 -8.03
N LEU A 220 -1.93 -15.38 -7.47
CA LEU A 220 -0.58 -15.97 -7.77
CA LEU A 220 -0.59 -15.97 -7.75
C LEU A 220 -0.39 -16.23 -9.26
N PHE A 221 -1.42 -16.84 -9.91
CA PHE A 221 -1.27 -17.19 -11.33
C PHE A 221 -1.22 -15.93 -12.18
N ARG A 222 -1.89 -14.85 -11.80
CA ARG A 222 -1.76 -13.61 -12.57
C ARG A 222 -0.34 -13.06 -12.46
N ILE A 223 0.23 -13.14 -11.26
CA ILE A 223 1.65 -12.73 -11.10
C ILE A 223 2.53 -13.62 -12.00
N PHE A 224 2.29 -14.92 -11.94
CA PHE A 224 3.16 -15.85 -12.70
C PHE A 224 3.05 -15.60 -14.21
N ARG A 225 1.85 -15.31 -14.69
CA ARG A 225 1.62 -15.13 -16.15
C ARG A 225 2.35 -13.90 -16.67
N THR A 226 2.59 -12.92 -15.81
CA THR A 226 3.32 -11.69 -16.22
C THR A 226 4.82 -11.82 -15.97
N LEU A 227 5.19 -12.28 -14.77
CA LEU A 227 6.59 -12.23 -14.35
C LEU A 227 7.30 -13.59 -14.57
N GLY A 228 6.59 -14.60 -15.04
CA GLY A 228 7.08 -15.98 -15.13
C GLY A 228 6.81 -16.74 -13.85
N THR A 229 6.59 -18.03 -13.96
CA THR A 229 6.50 -18.87 -12.76
C THR A 229 7.86 -18.86 -12.10
N PRO A 230 7.94 -18.51 -10.80
CA PRO A 230 9.24 -18.45 -10.15
C PRO A 230 9.81 -19.85 -9.92
N ASP A 231 11.13 -19.91 -9.94
CA ASP A 231 11.90 -21.15 -9.78
C ASP A 231 13.11 -20.84 -8.93
N GLU A 232 13.88 -21.87 -8.65
CA GLU A 232 15.04 -21.75 -7.77
C GLU A 232 16.10 -20.83 -8.40
N VAL A 233 16.12 -20.64 -9.71
CA VAL A 233 17.11 -19.74 -10.36
C VAL A 233 16.84 -18.29 -9.93
N VAL A 234 15.59 -17.85 -10.01
CA VAL A 234 15.26 -16.44 -9.71
C VAL A 234 14.95 -16.24 -8.22
N TRP A 235 14.59 -17.30 -7.52
CA TRP A 235 14.13 -17.19 -6.12
C TRP A 235 14.58 -18.41 -5.35
N PRO A 236 15.85 -18.44 -4.90
CA PRO A 236 16.32 -19.58 -4.14
C PRO A 236 15.44 -19.80 -2.90
N GLY A 237 14.98 -21.03 -2.74
CA GLY A 237 14.14 -21.40 -1.59
C GLY A 237 12.67 -21.41 -1.95
N VAL A 238 12.29 -20.92 -3.14
CA VAL A 238 10.82 -20.79 -3.40
C VAL A 238 10.15 -22.15 -3.35
N THR A 239 10.80 -23.19 -3.85
CA THR A 239 10.13 -24.51 -3.99
C THR A 239 9.93 -25.16 -2.61
N SER A 240 10.50 -24.60 -1.53
CA SER A 240 10.31 -25.10 -0.15
C SER A 240 9.33 -24.24 0.63
N MET A 241 8.68 -23.28 -0.02
CA MET A 241 7.68 -22.41 0.64
CA MET A 241 7.72 -22.46 0.73
C MET A 241 6.44 -23.23 1.00
N PRO A 242 5.78 -22.92 2.14
CA PRO A 242 4.66 -23.75 2.60
C PRO A 242 3.57 -24.04 1.56
N ASP A 243 3.19 -23.06 0.75
CA ASP A 243 2.06 -23.18 -0.18
C ASP A 243 2.54 -23.36 -1.63
N TYR A 244 3.82 -23.55 -1.84
CA TYR A 244 4.36 -23.83 -3.18
C TYR A 244 3.93 -25.23 -3.59
N LYS A 245 3.50 -25.37 -4.82
CA LYS A 245 3.20 -26.73 -5.33
CA LYS A 245 3.09 -26.67 -5.40
C LYS A 245 3.94 -26.93 -6.63
N PRO A 246 4.62 -28.10 -6.75
CA PRO A 246 5.32 -28.42 -7.97
C PRO A 246 4.42 -28.46 -9.20
N SER A 247 3.12 -28.62 -9.00
CA SER A 247 2.14 -28.69 -10.10
C SER A 247 1.75 -27.29 -10.60
N PHE A 248 2.33 -26.21 -10.06
CA PHE A 248 2.00 -24.89 -10.62
C PHE A 248 2.36 -24.89 -12.10
N PRO A 249 1.51 -24.35 -12.99
CA PRO A 249 1.90 -24.22 -14.38
C PRO A 249 3.14 -23.33 -14.53
N LYS A 250 3.93 -23.60 -15.57
CA LYS A 250 5.22 -22.92 -15.85
C LYS A 250 4.97 -21.96 -17.02
N TRP A 251 4.77 -20.70 -16.68
CA TRP A 251 4.59 -19.57 -17.62
C TRP A 251 5.93 -18.87 -17.80
N ALA A 252 6.18 -18.45 -19.03
CA ALA A 252 7.31 -17.56 -19.37
C ALA A 252 7.06 -16.14 -18.88
N ARG A 253 8.15 -15.40 -18.64
CA ARG A 253 8.04 -13.99 -18.16
C ARG A 253 7.94 -13.02 -19.34
N GLN A 254 6.99 -12.08 -19.28
CA GLN A 254 6.77 -11.03 -20.32
C GLN A 254 7.73 -9.81 -20.16
N ASP A 255 7.96 -9.06 -21.24
CA ASP A 255 8.75 -7.82 -21.22
C ASP A 255 7.93 -6.74 -20.51
N PHE A 256 8.56 -5.93 -19.65
CA PHE A 256 7.87 -4.75 -19.04
C PHE A 256 7.40 -3.76 -20.08
N SER A 257 8.07 -3.74 -21.25
CA SER A 257 7.66 -2.84 -22.34
C SER A 257 6.22 -3.19 -22.72
N LYS A 258 5.80 -4.46 -22.58
CA LYS A 258 4.40 -4.81 -22.92
CA LYS A 258 4.41 -4.90 -22.88
C LYS A 258 3.47 -4.56 -21.73
N VAL A 259 3.98 -4.66 -20.52
CA VAL A 259 3.19 -4.65 -19.26
C VAL A 259 2.81 -3.21 -18.89
N VAL A 260 3.78 -2.30 -18.93
CA VAL A 260 3.51 -0.90 -18.51
C VAL A 260 3.85 0.14 -19.57
N PRO A 261 3.38 0.02 -20.83
CA PRO A 261 3.53 1.12 -21.77
C PRO A 261 2.70 2.31 -21.28
N PRO A 262 3.10 3.59 -21.46
CA PRO A 262 4.31 4.04 -22.16
C PRO A 262 5.46 4.47 -21.24
N LEU A 263 5.63 3.78 -20.13
CA LEU A 263 6.70 4.08 -19.17
C LEU A 263 8.08 3.94 -19.83
N ASP A 264 8.94 4.91 -19.57
CA ASP A 264 10.33 4.97 -20.07
C ASP A 264 11.21 3.92 -19.40
N GLU A 265 12.38 3.76 -19.98
CA GLU A 265 13.36 2.78 -19.47
C GLU A 265 13.71 2.97 -17.99
N ASP A 266 13.85 4.19 -17.53
CA ASP A 266 14.18 4.41 -16.10
C ASP A 266 13.00 3.89 -15.24
N GLY A 267 11.78 4.23 -15.61
CA GLY A 267 10.64 3.75 -14.82
C GLY A 267 10.50 2.23 -14.88
N ARG A 268 10.71 1.65 -16.06
CA ARG A 268 10.58 0.17 -16.19
C ARG A 268 11.67 -0.50 -15.36
N SER A 269 12.89 0.06 -15.37
CA SER A 269 14.01 -0.50 -14.57
C SER A 269 13.61 -0.48 -13.09
N LEU A 270 13.13 0.65 -12.62
CA LEU A 270 12.75 0.76 -11.18
C LEU A 270 11.61 -0.22 -10.88
N LEU A 271 10.59 -0.25 -11.74
CA LEU A 271 9.45 -1.17 -11.46
C LEU A 271 9.95 -2.63 -11.41
N SER A 272 10.82 -3.00 -12.32
CA SER A 272 11.35 -4.39 -12.31
CA SER A 272 11.32 -4.40 -12.31
C SER A 272 12.04 -4.71 -10.98
N GLN A 273 12.76 -3.76 -10.43
CA GLN A 273 13.44 -3.97 -9.14
C GLN A 273 12.44 -4.00 -7.97
N MET A 274 11.32 -3.31 -8.10
CA MET A 274 10.28 -3.37 -7.05
C MET A 274 9.49 -4.67 -7.09
N LEU A 275 9.50 -5.33 -8.26
CA LEU A 275 8.74 -6.57 -8.47
C LEU A 275 9.64 -7.79 -8.59
N HIS A 276 10.86 -7.72 -8.09
CA HIS A 276 11.66 -8.96 -8.02
C HIS A 276 10.93 -9.98 -7.15
N TYR A 277 10.95 -11.23 -7.56
CA TYR A 277 10.33 -12.29 -6.75
C TYR A 277 11.03 -12.40 -5.40
N ASP A 278 12.34 -12.56 -5.41
CA ASP A 278 13.09 -12.82 -4.17
C ASP A 278 13.05 -11.57 -3.29
N PRO A 279 12.41 -11.62 -2.10
CA PRO A 279 12.30 -10.42 -1.29
C PRO A 279 13.68 -9.86 -0.89
N ASN A 280 14.72 -10.69 -0.94
N ASN A 280 14.72 -10.72 -0.91
CA ASN A 280 16.07 -10.19 -0.59
CA ASN A 280 16.09 -10.28 -0.54
C ASN A 280 16.68 -9.37 -1.71
C ASN A 280 16.74 -9.50 -1.70
N LYS A 281 16.23 -9.63 -2.93
CA LYS A 281 16.75 -8.94 -4.15
C LYS A 281 15.93 -7.67 -4.41
N ARG A 282 14.69 -7.64 -3.96
CA ARG A 282 13.76 -6.52 -4.21
C ARG A 282 14.40 -5.24 -3.67
N ILE A 283 14.31 -4.18 -4.45
CA ILE A 283 14.92 -2.89 -4.03
C ILE A 283 14.30 -2.41 -2.71
N SER A 284 15.12 -1.79 -1.89
CA SER A 284 14.65 -1.13 -0.65
C SER A 284 14.07 0.25 -1.02
N ALA A 285 13.29 0.80 -0.11
CA ALA A 285 12.75 2.17 -0.31
C ALA A 285 13.90 3.17 -0.41
N LYS A 286 14.91 3.04 0.49
CA LYS A 286 16.04 3.99 0.48
C LYS A 286 16.77 3.92 -0.87
N ALA A 287 17.06 2.71 -1.35
CA ALA A 287 17.78 2.57 -2.63
C ALA A 287 16.91 3.09 -3.77
N ALA A 288 15.61 2.85 -3.71
CA ALA A 288 14.72 3.32 -4.79
C ALA A 288 14.75 4.85 -4.91
N LEU A 289 14.88 5.54 -3.78
CA LEU A 289 14.93 7.02 -3.80
C LEU A 289 16.14 7.51 -4.62
N ALA A 290 17.20 6.74 -4.68
CA ALA A 290 18.43 7.09 -5.41
C ALA A 290 18.36 6.67 -6.88
N HIS A 291 17.29 6.03 -7.31
CA HIS A 291 17.21 5.50 -8.70
C HIS A 291 17.19 6.66 -9.71
N PRO A 292 17.82 6.51 -10.89
CA PRO A 292 17.81 7.54 -11.92
C PRO A 292 16.41 8.00 -12.34
N PHE A 293 15.36 7.23 -12.13
CA PHE A 293 13.98 7.67 -12.44
C PHE A 293 13.66 8.99 -11.74
N PHE A 294 14.24 9.23 -10.57
CA PHE A 294 13.90 10.43 -9.76
C PHE A 294 14.83 11.60 -10.03
N GLN A 295 15.73 11.50 -11.00
CA GLN A 295 16.69 12.58 -11.29
C GLN A 295 15.95 13.89 -11.55
N ASP A 296 14.80 13.85 -12.23
CA ASP A 296 14.05 15.07 -12.63
C ASP A 296 12.75 15.20 -11.83
N VAL A 297 12.68 14.63 -10.65
CA VAL A 297 11.43 14.70 -9.85
C VAL A 297 11.13 16.15 -9.45
N THR A 298 9.86 16.46 -9.47
CA THR A 298 9.26 17.75 -9.11
C THR A 298 8.04 17.47 -8.23
N LYS A 299 7.37 18.54 -7.78
CA LYS A 299 6.17 18.41 -6.94
C LYS A 299 5.07 19.22 -7.59
N PRO A 300 4.38 18.68 -8.62
CA PRO A 300 3.27 19.38 -9.22
C PRO A 300 2.02 19.47 -8.31
N VAL A 301 1.13 20.40 -8.65
CA VAL A 301 -0.22 20.63 -8.05
C VAL A 301 -1.22 19.75 -8.78
N PRO A 302 -1.91 18.84 -8.09
CA PRO A 302 -2.97 18.08 -8.76
C PRO A 302 -4.19 19.00 -8.90
N HIS A 303 -5.01 18.74 -9.89
CA HIS A 303 -6.32 19.39 -10.04
C HIS A 303 -7.31 18.58 -9.18
N LEU A 304 -7.68 19.10 -8.01
CA LEU A 304 -8.65 18.43 -7.10
C LEU A 304 -9.94 19.22 -7.06
N ARG A 305 -11.04 18.54 -7.29
CA ARG A 305 -12.41 19.07 -7.11
C ARG A 305 -12.93 18.41 -5.83
N LEU A 306 -13.01 19.16 -4.73
CA LEU A 306 -13.53 18.68 -3.43
C LEU A 306 -15.00 19.11 -3.25
BR4 BYZ B . -9.41 7.21 5.68
C4 BYZ B . -8.77 8.87 6.16
C5 BYZ B . -7.84 9.25 7.13
N1 BYZ B . -7.77 10.57 7.14
N2 BYZ B . -8.69 11.03 6.24
C3 BYZ B . -9.28 10.03 5.60
BR4 BYZ C . -7.10 7.76 7.53
C4 BYZ C . -7.88 9.34 6.85
C5 BYZ C . -7.26 10.56 6.63
N1 BYZ C . -8.14 11.40 6.07
N2 BYZ C . -9.33 10.77 6.00
C3 BYZ C . -9.19 9.51 6.44
#